data_5O5F
#
_entry.id   5O5F
#
_cell.length_a   60.765
_cell.length_b   60.765
_cell.length_c   63.516
_cell.angle_alpha   90.00
_cell.angle_beta   90.00
_cell.angle_gamma   120.00
#
_symmetry.space_group_name_H-M   'P 32 2 1'
#
loop_
_entity.id
_entity.type
_entity.pdbx_description
1 polymer Peregrin
2 non-polymer 1-ethyl-~{N}-[(~{R})-(3-fluorophenyl)-(1-methylimidazol-2-yl)methyl]-2,3-bis(oxidanylidene)-4~{H}-quinoxaline-6-carboxamide
3 non-polymer 'NITRATE ION'
4 water water
#
_entity_poly.entity_id   1
_entity_poly.type   'polypeptide(L)'
_entity_poly.pdbx_seq_one_letter_code
;SMEMQLTPFLILLRKTLEQLQEKDTGNIFSEPVPLSEVPDYLDHIKKPMDFFTMKQNLEAYRYLNFDDFEEDFNLIVSNC
LKYNAKDTIFYRAAVRLREQGGAVLRQARRQAEKMG
;
_entity_poly.pdbx_strand_id   A
#
loop_
_chem_comp.id
_chem_comp.type
_chem_comp.name
_chem_comp.formula
9LT non-polymer 1-ethyl-~{N}-[(~{R})-(3-fluorophenyl)-(1-methylimidazol-2-yl)methyl]-2,3-bis(oxidanylidene)-4~{H}-quinoxaline-6-carboxamide 'C22 H20 F N5 O3'
NO3 non-polymer 'NITRATE ION' 'N O3 -1'
#
# COMPACT_ATOMS: atom_id res chain seq x y z
N GLU A 3 9.45 -18.56 8.90
CA GLU A 3 10.69 -19.33 8.86
C GLU A 3 11.22 -19.41 7.43
N MET A 4 12.04 -18.43 7.06
CA MET A 4 12.60 -18.37 5.71
C MET A 4 13.76 -17.38 5.72
N GLN A 5 14.43 -17.28 4.58
N GLN A 5 14.46 -17.32 4.59
CA GLN A 5 15.55 -16.36 4.45
CA GLN A 5 15.53 -16.36 4.42
C GLN A 5 15.06 -14.95 4.12
C GLN A 5 14.98 -14.95 4.23
N LEU A 6 15.74 -13.96 4.69
CA LEU A 6 15.30 -12.58 4.59
C LEU A 6 15.39 -12.03 3.16
N THR A 7 16.53 -12.20 2.50
N THR A 7 16.54 -12.18 2.51
CA THR A 7 16.73 -11.52 1.22
CA THR A 7 16.78 -11.57 1.20
C THR A 7 15.71 -11.90 0.15
C THR A 7 15.71 -11.91 0.17
N PRO A 8 15.37 -13.18 -0.08
CA PRO A 8 14.33 -13.46 -1.09
C PRO A 8 12.98 -12.91 -0.70
N PHE A 9 12.66 -12.85 0.58
CA PHE A 9 11.40 -12.25 1.00
C PHE A 9 11.35 -10.77 0.67
N LEU A 10 12.43 -10.03 0.95
CA LEU A 10 12.44 -8.61 0.62
C LEU A 10 12.39 -8.38 -0.88
N ILE A 11 13.08 -9.22 -1.67
CA ILE A 11 12.99 -9.14 -3.13
C ILE A 11 11.54 -9.30 -3.57
N LEU A 12 10.84 -10.27 -2.98
CA LEU A 12 9.43 -10.48 -3.31
C LEU A 12 8.59 -9.27 -2.93
N LEU A 13 8.82 -8.70 -1.75
CA LEU A 13 8.05 -7.52 -1.37
C LEU A 13 8.31 -6.33 -2.30
N ARG A 14 9.56 -6.15 -2.73
CA ARG A 14 9.87 -5.06 -3.66
C ARG A 14 9.12 -5.24 -4.97
N LYS A 15 9.13 -6.46 -5.51
CA LYS A 15 8.38 -6.76 -6.73
C LYS A 15 6.89 -6.53 -6.53
N THR A 16 6.38 -6.97 -5.40
CA THR A 16 4.94 -6.83 -5.13
C THR A 16 4.55 -5.37 -5.00
N LEU A 17 5.39 -4.57 -4.32
CA LEU A 17 5.09 -3.15 -4.20
C LEU A 17 5.06 -2.49 -5.56
N GLU A 18 5.99 -2.84 -6.44
CA GLU A 18 5.97 -2.30 -7.80
C GLU A 18 4.69 -2.70 -8.54
N GLN A 19 4.27 -3.95 -8.38
CA GLN A 19 3.03 -4.39 -9.02
C GLN A 19 1.82 -3.63 -8.50
N LEU A 20 1.79 -3.33 -7.20
CA LEU A 20 0.69 -2.55 -6.66
C LEU A 20 0.71 -1.13 -7.19
N GLN A 21 1.88 -0.50 -7.22
CA GLN A 21 1.99 0.86 -7.74
C GLN A 21 1.57 0.94 -9.19
N GLU A 22 1.82 -0.11 -9.98
CA GLU A 22 1.39 -0.13 -11.38
C GLU A 22 -0.12 -0.01 -11.49
N LYS A 23 -0.86 -0.47 -10.49
CA LYS A 23 -2.31 -0.32 -10.52
C LYS A 23 -2.77 1.09 -10.25
N ASP A 24 -1.92 1.92 -9.64
CA ASP A 24 -2.24 3.32 -9.37
C ASP A 24 -1.68 4.16 -10.52
N THR A 25 -2.45 4.20 -11.62
CA THR A 25 -1.93 4.79 -12.85
C THR A 25 -1.78 6.31 -12.76
N GLY A 26 -2.65 6.97 -11.98
CA GLY A 26 -2.52 8.40 -11.80
C GLY A 26 -1.51 8.80 -10.75
N ASN A 27 -0.93 7.81 -10.06
CA ASN A 27 0.08 8.06 -9.04
C ASN A 27 -0.46 8.91 -7.90
N ILE A 28 -1.77 8.79 -7.64
CA ILE A 28 -2.38 9.55 -6.57
C ILE A 28 -2.07 8.99 -5.19
N PHE A 29 -1.60 7.73 -5.11
CA PHE A 29 -1.18 7.11 -3.86
C PHE A 29 0.34 7.01 -3.73
N SER A 30 1.08 7.69 -4.62
CA SER A 30 2.53 7.51 -4.69
CA SER A 30 2.53 7.51 -4.69
C SER A 30 3.25 8.20 -3.54
N GLU A 31 2.71 9.29 -3.01
CA GLU A 31 3.36 10.10 -1.99
C GLU A 31 2.35 10.43 -0.91
N PRO A 32 2.81 10.85 0.27
CA PRO A 32 1.85 11.22 1.32
C PRO A 32 0.86 12.26 0.82
N VAL A 33 -0.39 12.12 1.27
CA VAL A 33 -1.39 13.15 1.05
C VAL A 33 -0.79 14.46 1.56
N PRO A 34 -0.73 15.50 0.73
CA PRO A 34 -0.03 16.73 1.12
C PRO A 34 -0.85 17.55 2.10
N LEU A 35 -0.37 17.67 3.33
CA LEU A 35 -1.10 18.40 4.34
C LEU A 35 -1.22 19.89 4.01
N SER A 36 -0.39 20.41 3.11
CA SER A 36 -0.50 21.80 2.70
C SER A 36 -1.68 22.03 1.77
N GLU A 37 -2.08 21.01 1.00
CA GLU A 37 -3.27 21.07 0.18
C GLU A 37 -4.49 20.52 0.89
N VAL A 38 -4.30 19.64 1.87
CA VAL A 38 -5.38 19.01 2.62
C VAL A 38 -5.13 19.27 4.10
N PRO A 39 -5.33 20.50 4.58
CA PRO A 39 -4.89 20.84 5.95
C PRO A 39 -5.58 20.09 7.07
N ASP A 40 -6.78 19.54 6.84
CA ASP A 40 -7.54 18.85 7.88
C ASP A 40 -7.33 17.34 7.86
N TYR A 41 -6.40 16.84 7.05
CA TYR A 41 -6.32 15.40 6.79
C TYR A 41 -6.07 14.62 8.06
N LEU A 42 -5.13 15.07 8.90
CA LEU A 42 -4.79 14.32 10.11
C LEU A 42 -5.87 14.40 11.17
N ASP A 43 -6.84 15.31 11.03
CA ASP A 43 -7.96 15.33 11.97
C ASP A 43 -8.77 14.05 11.91
N HIS A 44 -8.83 13.41 10.73
CA HIS A 44 -9.64 12.22 10.53
C HIS A 44 -8.82 10.96 10.30
N ILE A 45 -7.58 11.07 9.83
CA ILE A 45 -6.77 9.93 9.44
C ILE A 45 -5.63 9.79 10.44
N LYS A 46 -5.67 8.72 11.24
CA LYS A 46 -4.71 8.58 12.33
C LYS A 46 -3.38 8.00 11.88
N LYS A 47 -3.36 7.20 10.81
CA LYS A 47 -2.13 6.65 10.26
C LYS A 47 -2.11 6.80 8.75
N PRO A 48 -1.65 7.94 8.24
CA PRO A 48 -1.51 8.11 6.80
C PRO A 48 -0.58 7.04 6.21
N MET A 49 -0.81 6.70 4.95
CA MET A 49 0.05 5.75 4.26
C MET A 49 0.03 6.05 2.77
N ASP A 50 1.10 5.67 2.10
CA ASP A 50 1.29 5.89 0.66
C ASP A 50 2.41 4.95 0.22
N PHE A 51 2.60 4.85 -1.09
CA PHE A 51 3.55 3.88 -1.61
C PHE A 51 5.01 4.28 -1.35
N PHE A 52 5.32 5.58 -1.34
CA PHE A 52 6.68 5.99 -1.01
C PHE A 52 7.04 5.60 0.42
N THR A 53 6.13 5.90 1.37
CA THR A 53 6.35 5.50 2.75
C THR A 53 6.48 3.98 2.88
N MET A 54 5.68 3.22 2.11
CA MET A 54 5.82 1.77 2.15
C MET A 54 7.19 1.33 1.68
N LYS A 55 7.72 1.96 0.63
CA LYS A 55 9.07 1.63 0.16
C LYS A 55 10.10 1.93 1.24
N GLN A 56 9.97 3.07 1.92
N GLN A 56 9.98 3.08 1.89
CA GLN A 56 10.91 3.38 3.00
CA GLN A 56 10.87 3.41 3.01
C GLN A 56 10.78 2.38 4.14
C GLN A 56 10.77 2.35 4.10
N ASN A 57 9.54 1.99 4.48
CA ASN A 57 9.34 1.00 5.53
C ASN A 57 9.96 -0.34 5.13
N LEU A 58 9.76 -0.75 3.88
CA LEU A 58 10.34 -1.99 3.39
C LEU A 58 11.84 -2.02 3.60
N GLU A 59 12.53 -0.97 3.16
CA GLU A 59 13.98 -0.93 3.28
C GLU A 59 14.45 -0.75 4.71
N ALA A 60 13.60 -0.26 5.61
CA ALA A 60 13.95 -0.14 7.02
C ALA A 60 13.60 -1.40 7.81
N TYR A 61 13.28 -2.49 7.11
CA TYR A 61 13.00 -3.79 7.72
C TYR A 61 11.75 -3.78 8.59
N ARG A 62 10.79 -2.92 8.28
CA ARG A 62 9.55 -2.87 9.01
C ARG A 62 8.51 -3.87 8.51
N TYR A 63 8.77 -4.55 7.37
CA TYR A 63 7.90 -5.63 6.88
C TYR A 63 8.71 -6.93 6.90
N LEU A 64 8.54 -7.70 7.98
CA LEU A 64 9.17 -9.01 8.11
C LEU A 64 8.17 -10.14 7.97
N ASN A 65 6.90 -9.82 7.74
CA ASN A 65 5.88 -10.80 7.42
C ASN A 65 4.96 -10.18 6.39
N PHE A 66 4.25 -11.04 5.66
CA PHE A 66 3.40 -10.55 4.59
C PHE A 66 2.23 -9.76 5.14
N ASP A 67 1.67 -10.18 6.28
CA ASP A 67 0.52 -9.50 6.85
C ASP A 67 0.80 -8.01 7.11
N ASP A 68 1.99 -7.69 7.63
CA ASP A 68 2.29 -6.29 7.94
C ASP A 68 2.36 -5.46 6.66
N PHE A 69 2.91 -6.03 5.59
CA PHE A 69 2.96 -5.36 4.29
C PHE A 69 1.55 -5.14 3.77
N GLU A 70 0.73 -6.18 3.80
CA GLU A 70 -0.64 -6.08 3.30
C GLU A 70 -1.47 -5.09 4.12
N GLU A 71 -1.22 -5.04 5.43
CA GLU A 71 -1.95 -4.11 6.29
C GLU A 71 -1.68 -2.65 5.92
N ASP A 72 -0.42 -2.33 5.58
CA ASP A 72 -0.13 -0.95 5.16
C ASP A 72 -0.75 -0.63 3.81
N PHE A 73 -0.73 -1.58 2.87
CA PHE A 73 -1.46 -1.36 1.63
C PHE A 73 -2.93 -1.09 1.90
N ASN A 74 -3.54 -1.88 2.79
CA ASN A 74 -4.95 -1.69 3.10
C ASN A 74 -5.21 -0.32 3.69
N LEU A 75 -4.25 0.24 4.42
CA LEU A 75 -4.41 1.60 4.95
C LEU A 75 -4.47 2.64 3.83
N ILE A 76 -3.67 2.48 2.79
CA ILE A 76 -3.76 3.41 1.66
C ILE A 76 -5.19 3.48 1.17
N VAL A 77 -5.80 2.30 1.00
CA VAL A 77 -7.18 2.21 0.53
C VAL A 77 -8.15 2.77 1.55
N SER A 78 -8.09 2.26 2.79
CA SER A 78 -9.13 2.60 3.76
CA SER A 78 -9.10 2.60 3.78
C SER A 78 -9.07 4.07 4.16
N ASN A 79 -7.87 4.65 4.22
CA ASN A 79 -7.77 6.09 4.54
C ASN A 79 -8.49 6.90 3.49
N CYS A 80 -8.33 6.52 2.22
CA CYS A 80 -8.90 7.27 1.13
C CYS A 80 -10.43 7.13 1.10
N LEU A 81 -10.94 5.92 1.33
CA LEU A 81 -12.38 5.73 1.46
C LEU A 81 -12.94 6.54 2.62
N LYS A 82 -12.21 6.59 3.73
CA LYS A 82 -12.71 7.32 4.90
C LYS A 82 -12.74 8.82 4.64
N TYR A 83 -11.69 9.38 4.06
CA TYR A 83 -11.59 10.82 3.93
C TYR A 83 -12.49 11.38 2.84
N ASN A 84 -12.71 10.65 1.75
CA ASN A 84 -13.30 11.22 0.55
C ASN A 84 -14.75 10.79 0.39
N ALA A 85 -15.55 11.69 -0.18
CA ALA A 85 -16.95 11.40 -0.45
C ALA A 85 -17.08 10.33 -1.51
N LYS A 86 -18.17 9.57 -1.44
CA LYS A 86 -18.35 8.43 -2.36
C LYS A 86 -18.44 8.87 -3.80
N ASP A 87 -18.85 10.11 -4.06
CA ASP A 87 -19.03 10.55 -5.44
C ASP A 87 -17.77 11.14 -6.07
N THR A 88 -16.60 10.92 -5.48
CA THR A 88 -15.36 11.48 -6.01
C THR A 88 -14.56 10.43 -6.79
N ILE A 89 -13.71 10.93 -7.69
CA ILE A 89 -12.76 10.04 -8.34
C ILE A 89 -11.85 9.37 -7.31
N PHE A 90 -11.39 10.11 -6.29
CA PHE A 90 -10.49 9.52 -5.29
C PHE A 90 -11.12 8.29 -4.64
N TYR A 91 -12.39 8.40 -4.22
CA TYR A 91 -13.03 7.28 -3.55
C TYR A 91 -13.11 6.08 -4.50
N ARG A 92 -13.51 6.32 -5.75
CA ARG A 92 -13.62 5.22 -6.70
C ARG A 92 -12.27 4.63 -7.02
N ALA A 93 -11.22 5.46 -7.06
CA ALA A 93 -9.88 4.95 -7.30
C ALA A 93 -9.42 4.04 -6.17
N ALA A 94 -9.81 4.36 -4.94
CA ALA A 94 -9.46 3.48 -3.82
C ALA A 94 -10.20 2.15 -3.90
N VAL A 95 -11.48 2.17 -4.30
CA VAL A 95 -12.21 0.92 -4.51
C VAL A 95 -11.52 0.08 -5.57
N ARG A 96 -11.14 0.70 -6.70
N ARG A 96 -11.16 0.70 -6.70
CA ARG A 96 -10.52 -0.07 -7.76
CA ARG A 96 -10.50 -0.04 -7.78
C ARG A 96 -9.14 -0.57 -7.35
C ARG A 96 -9.15 -0.58 -7.33
N LEU A 97 -8.39 0.21 -6.57
CA LEU A 97 -7.10 -0.26 -6.07
C LEU A 97 -7.28 -1.45 -5.13
N ARG A 98 -8.29 -1.40 -4.28
CA ARG A 98 -8.58 -2.54 -3.41
C ARG A 98 -8.83 -3.79 -4.24
N GLU A 99 -9.63 -3.66 -5.29
CA GLU A 99 -9.95 -4.80 -6.13
C GLU A 99 -8.72 -5.32 -6.86
N GLN A 100 -8.04 -4.44 -7.58
CA GLN A 100 -6.90 -4.89 -8.38
C GLN A 100 -5.75 -5.33 -7.51
N GLY A 101 -5.56 -4.70 -6.36
CA GLY A 101 -4.53 -5.15 -5.45
C GLY A 101 -4.78 -6.55 -4.93
N GLY A 102 -6.04 -6.98 -4.90
CA GLY A 102 -6.38 -8.25 -4.25
C GLY A 102 -5.69 -9.43 -4.89
N ALA A 103 -5.80 -9.56 -6.21
CA ALA A 103 -5.13 -10.65 -6.90
C ALA A 103 -3.62 -10.51 -6.81
N VAL A 104 -3.11 -9.27 -6.86
CA VAL A 104 -1.66 -9.07 -6.75
C VAL A 104 -1.17 -9.61 -5.42
N LEU A 105 -1.85 -9.25 -4.34
CA LEU A 105 -1.45 -9.69 -3.01
C LEU A 105 -1.65 -11.18 -2.82
N ARG A 106 -2.75 -11.74 -3.33
CA ARG A 106 -2.96 -13.18 -3.16
C ARG A 106 -1.86 -13.98 -3.82
N GLN A 107 -1.47 -13.59 -5.04
CA GLN A 107 -0.41 -14.32 -5.73
C GLN A 107 0.93 -14.14 -5.03
N ALA A 108 1.23 -12.92 -4.57
CA ALA A 108 2.49 -12.68 -3.86
C ALA A 108 2.55 -13.45 -2.55
N ARG A 109 1.43 -13.49 -1.81
CA ARG A 109 1.41 -14.26 -0.57
C ARG A 109 1.70 -15.73 -0.83
N ARG A 110 1.16 -16.29 -1.92
CA ARG A 110 1.45 -17.68 -2.24
C ARG A 110 2.95 -17.87 -2.47
N GLN A 111 3.60 -16.92 -3.13
CA GLN A 111 5.04 -17.00 -3.32
C GLN A 111 5.79 -16.90 -1.99
N ALA A 112 5.30 -16.08 -1.05
CA ALA A 112 5.93 -16.04 0.26
C ALA A 112 5.77 -17.37 1.01
N GLU A 113 4.60 -17.99 0.91
CA GLU A 113 4.35 -19.27 1.55
C GLU A 113 5.23 -20.37 0.96
N LYS A 114 5.57 -20.25 -0.32
CA LYS A 114 6.43 -21.23 -0.97
C LYS A 114 7.83 -21.22 -0.37
N MET A 115 8.25 -20.08 0.17
CA MET A 115 9.59 -19.96 0.78
C MET A 115 9.66 -20.76 2.07
CAA 9LT B . -5.53 9.98 -3.37
CAB 9LT B . -1.46 20.64 -6.08
CAG 9LT B . -2.12 17.50 -9.62
CAH 9LT B . 0.88 18.72 -4.11
CAI 9LT B . -1.00 16.71 -9.87
CAJ 9LT B . -2.48 17.81 -8.31
CAK 9LT B . -3.13 14.05 -3.74
CAL 9LT B . -3.71 12.90 -3.19
CAM 9LT B . 0.45 19.88 -4.62
CAN 9LT B . -0.60 16.54 -7.49
CAO 9LT B . -4.81 15.40 -2.69
CAP 9LT B . -4.85 10.57 -2.12
CAT 9LT B . -3.17 16.51 -4.02
CAU 9LT B . -0.24 16.24 -8.80
CAV 9LT B . -3.68 15.31 -3.49
CAW 9LT B . -1.72 17.33 -7.24
CAX 9LT B . -0.89 18.34 -5.25
CAY 9LT B . -7.09 13.25 -0.80
CAZ 9LT B . -6.53 12.00 -1.05
CBA 9LT B . -5.39 14.25 -2.14
CBB 9LT B . -4.85 13.00 -2.38
CBC 9LT B . -2.07 17.64 -5.93
FAF 9LT B . 0.85 15.49 -9.03
NAQ 9LT B . 0.04 17.75 -4.50
NAR 9LT B . -2.56 16.43 -5.21
NAS 9LT B . -6.51 14.39 -1.34
NBD 9LT B . -0.65 19.64 -5.33
NBE 9LT B . -5.43 11.90 -1.84
OAC 9LT B . -3.39 17.61 -3.48
OAD 9LT B . -8.09 13.36 -0.10
OAE 9LT B . -7.05 11.00 -0.56
N NO3 C . -16.80 0.57 -1.23
O1 NO3 C . -17.65 1.52 -1.45
O2 NO3 C . -15.87 0.74 -0.38
O3 NO3 C . -16.96 -0.69 -1.85
N NO3 D . -4.25 14.52 -7.98
O1 NO3 D . -4.32 14.01 -9.30
O2 NO3 D . -5.35 15.28 -7.45
O3 NO3 D . -3.11 14.26 -7.18
#